data_6AKJ
#
_entry.id   6AKJ
#
_cell.length_a   86.689
_cell.length_b   86.689
_cell.length_c   105.391
_cell.angle_alpha   90.000
_cell.angle_beta   90.000
_cell.angle_gamma   120.000
#
_symmetry.space_group_name_H-M   'P 32 2 1'
#
loop_
_entity.id
_entity.type
_entity.pdbx_description
1 polymer 'Enhancer of rudimentary homolog,YTH domain-containing protein mmi1 fusion protein'
2 non-polymer 'SULFATE ION'
3 water water
#
_entity_poly.entity_id   1
_entity_poly.type   'polypeptide(L)'
_entity_poly.pdbx_seq_one_letter_code
;MGHHHHHHMSPPPAESHIILLIQQGSDPKTRIWSDHCSLRSAIEYIVGVYQTNQAVSEKESIDVSRFFNFFDEIYDCVPL
VYDRHFRAYIPHEKQWLLHHAQEYLTAARQIPGSSGSSGSSGSSGSSGKYDFSRHCTDYGHSYEWPYFRSLRRES
;
_entity_poly.pdbx_strand_id   A,B
#
loop_
_chem_comp.id
_chem_comp.type
_chem_comp.name
_chem_comp.formula
SO4 non-polymer 'SULFATE ION' 'O4 S -2'
#
# COMPACT_ATOMS: atom_id res chain seq x y z
N ALA A 14 8.79 -7.47 -17.94
CA ALA A 14 7.59 -6.90 -18.54
C ALA A 14 7.14 -5.66 -17.77
N GLU A 15 5.97 -5.13 -18.15
CA GLU A 15 5.40 -3.96 -17.51
C GLU A 15 3.96 -4.29 -17.06
N SER A 16 3.85 -5.14 -16.05
CA SER A 16 2.57 -5.49 -15.46
C SER A 16 2.77 -5.63 -13.96
N HIS A 17 1.98 -4.87 -13.18
CA HIS A 17 2.17 -4.83 -11.73
C HIS A 17 0.83 -4.62 -11.07
N ILE A 18 0.53 -5.41 -10.04
CA ILE A 18 -0.72 -5.33 -9.30
C ILE A 18 -0.41 -5.31 -7.81
N ILE A 19 -0.94 -4.30 -7.12
CA ILE A 19 -0.74 -4.13 -5.68
C ILE A 19 -2.07 -4.36 -4.98
N LEU A 20 -2.04 -5.18 -3.93
CA LEU A 20 -3.22 -5.50 -3.13
C LEU A 20 -3.05 -4.83 -1.77
N LEU A 21 -3.91 -3.85 -1.48
CA LEU A 21 -3.96 -3.22 -0.16
C LEU A 21 -4.92 -4.01 0.70
N ILE A 22 -4.40 -4.71 1.71
CA ILE A 22 -5.17 -5.65 2.50
C ILE A 22 -5.20 -5.18 3.95
N GLN A 23 -6.39 -5.22 4.55
CA GLN A 23 -6.58 -4.98 5.98
C GLN A 23 -7.50 -6.07 6.49
N GLN A 24 -6.94 -6.98 7.30
CA GLN A 24 -7.69 -8.17 7.71
C GLN A 24 -8.87 -7.80 8.61
N GLY A 25 -8.59 -7.22 9.76
CA GLY A 25 -9.62 -6.87 10.72
C GLY A 25 -9.97 -5.40 10.72
N SER A 26 -10.87 -5.04 11.64
CA SER A 26 -11.26 -3.64 11.77
C SER A 26 -10.12 -2.78 12.28
N ASP A 27 -9.20 -3.36 13.04
CA ASP A 27 -8.03 -2.64 13.52
C ASP A 27 -7.02 -2.46 12.38
N PRO A 28 -6.61 -1.23 12.07
CA PRO A 28 -5.63 -1.03 10.99
C PRO A 28 -4.26 -1.62 11.27
N LYS A 29 -4.02 -2.22 12.44
CA LYS A 29 -2.75 -2.90 12.67
C LYS A 29 -2.61 -4.16 11.85
N THR A 30 -3.73 -4.73 11.39
CA THR A 30 -3.72 -5.93 10.54
C THR A 30 -3.53 -5.59 9.08
N ARG A 31 -2.92 -4.45 8.76
CA ARG A 31 -2.72 -4.04 7.38
C ARG A 31 -1.46 -4.68 6.80
N ILE A 32 -1.57 -5.09 5.53
CA ILE A 32 -0.44 -5.63 4.79
C ILE A 32 -0.74 -5.43 3.31
N TRP A 33 0.30 -5.27 2.51
CA TRP A 33 0.14 -5.08 1.08
C TRP A 33 0.99 -6.07 0.32
N SER A 34 0.45 -6.57 -0.79
CA SER A 34 1.15 -7.50 -1.66
C SER A 34 1.25 -6.93 -3.06
N ASP A 35 2.35 -7.23 -3.74
CA ASP A 35 2.57 -6.79 -5.12
C ASP A 35 2.93 -7.99 -5.98
N HIS A 36 2.40 -8.01 -7.20
CA HIS A 36 2.55 -9.16 -8.08
C HIS A 36 2.81 -8.68 -9.51
N CYS A 37 3.35 -9.58 -10.31
CA CYS A 37 3.72 -9.27 -11.68
C CYS A 37 2.61 -9.51 -12.69
N SER A 38 1.51 -10.16 -12.28
CA SER A 38 0.40 -10.42 -13.18
C SER A 38 -0.86 -10.64 -12.35
N LEU A 39 -2.00 -10.61 -13.04
CA LEU A 39 -3.27 -10.88 -12.36
C LEU A 39 -3.34 -12.32 -11.86
N ARG A 40 -2.73 -13.25 -12.59
CA ARG A 40 -2.72 -14.65 -12.15
C ARG A 40 -1.97 -14.80 -10.84
N SER A 41 -0.84 -14.10 -10.69
CA SER A 41 -0.07 -14.20 -9.45
C SER A 41 -0.85 -13.65 -8.26
N ALA A 42 -1.58 -12.55 -8.47
CA ALA A 42 -2.38 -11.97 -7.39
C ALA A 42 -3.49 -12.93 -6.98
N ILE A 43 -4.10 -13.61 -7.95
CA ILE A 43 -5.16 -14.56 -7.62
C ILE A 43 -4.58 -15.78 -6.92
N GLU A 44 -3.45 -16.30 -7.42
CA GLU A 44 -2.82 -17.45 -6.78
C GLU A 44 -2.35 -17.13 -5.38
N TYR A 45 -1.98 -15.87 -5.14
CA TYR A 45 -1.56 -15.47 -3.79
C TYR A 45 -2.75 -15.45 -2.84
N ILE A 46 -3.85 -14.79 -3.23
CA ILE A 46 -5.01 -14.68 -2.36
C ILE A 46 -5.68 -16.03 -2.15
N VAL A 47 -5.44 -17.00 -3.04
CA VAL A 47 -5.90 -18.35 -2.80
C VAL A 47 -4.95 -19.08 -1.86
N GLY A 48 -3.64 -18.84 -2.02
CA GLY A 48 -2.67 -19.51 -1.17
C GLY A 48 -2.79 -19.14 0.29
N VAL A 49 -3.16 -17.89 0.58
CA VAL A 49 -3.34 -17.47 1.97
C VAL A 49 -4.59 -18.12 2.56
N TYR A 50 -5.61 -18.37 1.74
CA TYR A 50 -6.82 -19.04 2.22
C TYR A 50 -6.51 -20.45 2.72
N GLN A 51 -5.55 -21.13 2.09
CA GLN A 51 -5.22 -22.51 2.44
C GLN A 51 -3.94 -22.57 3.27
N THR A 52 -3.97 -21.87 4.40
CA THR A 52 -2.87 -21.90 5.37
C THR A 52 -3.41 -22.10 6.78
N VAL A 64 -15.11 -25.64 -1.08
CA VAL A 64 -14.50 -24.38 -1.50
C VAL A 64 -15.52 -23.26 -1.39
N SER A 65 -16.71 -23.56 -0.87
CA SER A 65 -17.69 -22.54 -0.57
C SER A 65 -17.25 -21.66 0.59
N ARG A 66 -16.28 -22.11 1.38
CA ARG A 66 -15.73 -21.34 2.49
C ARG A 66 -14.78 -20.26 2.02
N PHE A 67 -14.35 -20.28 0.75
CA PHE A 67 -13.49 -19.23 0.22
C PHE A 67 -14.25 -17.92 0.07
N PHE A 68 -15.54 -17.99 -0.30
CA PHE A 68 -16.35 -16.78 -0.31
C PHE A 68 -16.40 -16.12 1.06
N ASN A 69 -16.59 -16.92 2.12
CA ASN A 69 -16.67 -16.38 3.46
C ASN A 69 -15.34 -15.83 3.93
N PHE A 70 -14.23 -16.43 3.51
CA PHE A 70 -12.92 -15.90 3.84
C PHE A 70 -12.69 -14.54 3.17
N PHE A 71 -13.04 -14.44 1.88
CA PHE A 71 -12.81 -13.20 1.15
C PHE A 71 -13.76 -12.10 1.61
N ASP A 72 -14.98 -12.46 2.01
CA ASP A 72 -15.92 -11.46 2.51
C ASP A 72 -15.56 -10.99 3.91
N GLU A 73 -14.84 -11.80 4.69
CA GLU A 73 -14.42 -11.40 6.02
C GLU A 73 -13.24 -10.43 5.99
N ILE A 74 -12.53 -10.32 4.87
CA ILE A 74 -11.45 -9.36 4.76
C ILE A 74 -12.04 -7.96 4.86
N TYR A 75 -11.60 -7.21 5.88
CA TYR A 75 -12.23 -5.94 6.21
C TYR A 75 -12.11 -4.93 5.06
N ASP A 76 -10.97 -4.91 4.39
CA ASP A 76 -10.75 -3.95 3.32
C ASP A 76 -9.70 -4.50 2.38
N CYS A 77 -9.99 -4.45 1.07
CA CYS A 77 -9.06 -4.94 0.06
C CYS A 77 -9.18 -4.07 -1.17
N VAL A 78 -8.14 -3.29 -1.46
CA VAL A 78 -8.13 -2.40 -2.62
C VAL A 78 -7.06 -2.85 -3.59
N PRO A 79 -7.42 -3.47 -4.72
CA PRO A 79 -6.42 -3.79 -5.75
C PRO A 79 -5.99 -2.55 -6.51
N LEU A 80 -4.69 -2.40 -6.69
CA LEU A 80 -4.11 -1.33 -7.49
C LEU A 80 -3.46 -1.94 -8.72
N VAL A 81 -3.99 -1.61 -9.91
CA VAL A 81 -3.51 -2.15 -11.17
C VAL A 81 -2.73 -1.07 -11.89
N TYR A 82 -1.51 -1.41 -12.32
CA TYR A 82 -0.61 -0.46 -12.97
C TYR A 82 -0.91 -0.36 -14.46
N ASP A 83 -0.95 0.87 -14.95
CA ASP A 83 -1.06 1.15 -16.37
C ASP A 83 0.28 1.62 -16.89
N ARG A 84 0.78 0.99 -17.95
CA ARG A 84 2.13 1.26 -18.41
C ARG A 84 2.24 2.66 -19.03
N HIS A 85 1.21 3.09 -19.77
CA HIS A 85 1.29 4.39 -20.44
C HIS A 85 1.15 5.53 -19.44
N PHE A 86 0.03 5.59 -18.73
CA PHE A 86 -0.19 6.65 -17.77
C PHE A 86 0.75 6.58 -16.59
N ARG A 87 1.45 5.45 -16.39
CA ARG A 87 2.43 5.30 -15.31
C ARG A 87 1.79 5.61 -13.96
N ALA A 88 0.59 5.08 -13.75
CA ALA A 88 -0.15 5.28 -12.51
C ALA A 88 -0.91 4.01 -12.18
N TYR A 89 -1.35 3.89 -10.93
CA TYR A 89 -2.07 2.74 -10.45
C TYR A 89 -3.57 3.05 -10.38
N ILE A 90 -4.37 2.15 -10.94
CA ILE A 90 -5.82 2.31 -11.01
C ILE A 90 -6.45 1.59 -9.82
N PRO A 91 -7.19 2.29 -8.96
CA PRO A 91 -7.84 1.61 -7.83
C PRO A 91 -9.10 0.87 -8.26
N HIS A 92 -9.32 -0.27 -7.64
CA HIS A 92 -10.51 -1.09 -7.91
C HIS A 92 -11.18 -1.45 -6.60
N GLU A 93 -12.48 -1.74 -6.69
CA GLU A 93 -13.20 -2.23 -5.52
C GLU A 93 -12.84 -3.69 -5.26
N LYS A 94 -13.18 -4.17 -4.06
CA LYS A 94 -12.79 -5.51 -3.65
C LYS A 94 -13.39 -6.58 -4.55
N GLN A 95 -14.61 -6.35 -5.06
CA GLN A 95 -15.27 -7.34 -5.90
C GLN A 95 -14.55 -7.57 -7.22
N TRP A 96 -13.74 -6.62 -7.67
CA TRP A 96 -13.01 -6.80 -8.92
C TRP A 96 -12.02 -7.96 -8.83
N LEU A 97 -11.41 -8.16 -7.65
CA LEU A 97 -10.53 -9.30 -7.47
C LEU A 97 -11.30 -10.58 -7.20
N LEU A 98 -12.46 -10.48 -6.55
CA LEU A 98 -13.29 -11.65 -6.31
C LEU A 98 -13.74 -12.28 -7.63
N HIS A 99 -14.22 -11.45 -8.56
CA HIS A 99 -14.75 -11.98 -9.82
C HIS A 99 -13.67 -12.67 -10.63
N HIS A 100 -12.46 -12.11 -10.64
CA HIS A 100 -11.35 -12.76 -11.34
C HIS A 100 -10.92 -14.03 -10.61
N ALA A 101 -11.00 -14.05 -9.28
CA ALA A 101 -10.69 -15.26 -8.54
C ALA A 101 -11.73 -16.34 -8.80
N GLN A 102 -12.99 -15.96 -9.06
CA GLN A 102 -14.02 -16.93 -9.35
C GLN A 102 -13.75 -17.64 -10.68
N GLU A 103 -13.30 -16.89 -11.69
CA GLU A 103 -12.97 -17.50 -12.97
C GLU A 103 -11.80 -18.47 -12.83
N TYR A 104 -10.84 -18.14 -11.98
CA TYR A 104 -9.67 -18.99 -11.78
C TYR A 104 -10.06 -20.35 -11.20
N LEU A 105 -11.17 -20.40 -10.47
CA LEU A 105 -11.61 -21.64 -9.81
C LEU A 105 -12.52 -22.49 -10.68
N THR A 106 -12.83 -22.06 -11.91
CA THR A 106 -13.69 -22.83 -12.79
C THR A 106 -12.85 -23.67 -13.76
N LYS A 129 -4.04 -17.46 12.45
CA LYS A 129 -5.02 -18.05 11.54
C LYS A 129 -4.50 -18.05 10.11
N TYR A 130 -4.76 -16.97 9.38
CA TYR A 130 -4.33 -16.84 8.00
C TYR A 130 -2.99 -16.11 7.94
N ASP A 131 -2.13 -16.54 7.02
CA ASP A 131 -0.79 -15.99 6.83
C ASP A 131 -0.79 -15.22 5.51
N PHE A 132 -1.04 -13.92 5.58
CA PHE A 132 -1.08 -13.06 4.40
C PHE A 132 0.30 -12.70 3.89
N SER A 133 1.36 -13.27 4.45
CA SER A 133 2.71 -13.01 3.98
C SER A 133 3.24 -14.07 3.02
N ARG A 134 2.51 -15.18 2.86
CA ARG A 134 2.93 -16.26 1.98
C ARG A 134 2.87 -15.78 0.53
N HIS A 135 4.04 -15.68 -0.11
CA HIS A 135 4.15 -15.30 -1.52
C HIS A 135 3.54 -13.93 -1.77
N CYS A 136 3.74 -13.01 -0.83
CA CYS A 136 3.13 -11.69 -0.92
C CYS A 136 3.90 -10.72 -1.79
N THR A 137 4.94 -11.16 -2.49
CA THR A 137 5.68 -10.27 -3.37
C THR A 137 6.39 -11.10 -4.44
N ASP A 138 6.30 -10.65 -5.68
CA ASP A 138 7.05 -11.23 -6.78
C ASP A 138 8.37 -10.52 -7.02
N TYR A 139 8.75 -9.60 -6.15
CA TYR A 139 9.98 -8.83 -6.27
C TYR A 139 10.67 -8.80 -4.91
N GLY A 140 11.87 -8.22 -4.89
CA GLY A 140 12.61 -8.07 -3.65
C GLY A 140 12.56 -6.65 -3.12
N HIS A 141 12.19 -5.72 -4.00
CA HIS A 141 12.17 -4.29 -3.69
C HIS A 141 11.44 -3.57 -4.81
N SER A 142 10.83 -2.44 -4.48
CA SER A 142 10.15 -1.63 -5.49
C SER A 142 11.10 -1.16 -6.59
N TYR A 143 12.41 -1.24 -6.36
CA TYR A 143 13.39 -0.94 -7.40
C TYR A 143 13.17 -1.79 -8.65
N GLU A 144 12.57 -2.97 -8.49
CA GLU A 144 12.33 -3.88 -9.60
C GLU A 144 10.97 -3.67 -10.26
N TRP A 145 10.11 -2.81 -9.70
CA TRP A 145 8.79 -2.61 -10.26
C TRP A 145 8.88 -1.97 -11.64
N PRO A 146 7.88 -2.22 -12.50
CA PRO A 146 7.97 -1.69 -13.87
C PRO A 146 8.08 -0.18 -13.96
N TYR A 147 7.43 0.56 -13.05
CA TYR A 147 7.52 2.02 -13.10
C TYR A 147 8.94 2.50 -12.82
N PHE A 148 9.58 1.95 -11.78
CA PHE A 148 10.91 2.40 -11.43
C PHE A 148 11.98 1.88 -12.37
N ARG A 149 11.70 0.79 -13.10
CA ARG A 149 12.56 0.40 -14.20
C ARG A 149 12.34 1.27 -15.43
N SER A 150 11.17 1.91 -15.54
CA SER A 150 10.87 2.72 -16.72
C SER A 150 11.76 3.95 -16.80
N LEU A 151 12.07 4.55 -15.65
CA LEU A 151 12.93 5.74 -15.63
C LEU A 151 14.40 5.38 -15.48
N ARG A 152 14.87 4.47 -16.33
CA ARG A 152 16.28 4.13 -16.42
C ARG A 152 16.72 4.05 -17.87
N GLU B 15 -9.89 16.76 -1.92
CA GLU B 15 -9.76 15.38 -2.41
C GLU B 15 -8.30 14.95 -2.54
N SER B 16 -7.54 15.16 -1.47
CA SER B 16 -6.15 14.71 -1.43
C SER B 16 -6.08 13.39 -0.69
N HIS B 17 -5.29 12.46 -1.23
CA HIS B 17 -5.16 11.12 -0.65
C HIS B 17 -3.79 10.58 -0.98
N ILE B 18 -3.03 10.21 0.05
CA ILE B 18 -1.66 9.73 -0.10
C ILE B 18 -1.54 8.39 0.62
N ILE B 19 -1.05 7.38 -0.09
CA ILE B 19 -0.83 6.05 0.46
C ILE B 19 0.67 5.79 0.53
N LEU B 20 1.15 5.33 1.68
CA LEU B 20 2.55 5.00 1.87
C LEU B 20 2.68 3.48 1.93
N LEU B 21 3.35 2.91 0.92
CA LEU B 21 3.65 1.48 0.90
C LEU B 21 4.97 1.28 1.63
N ILE B 22 4.90 0.85 2.89
CA ILE B 22 6.06 0.76 3.76
C ILE B 22 6.43 -0.70 3.96
N GLN B 23 7.74 -0.99 3.86
CA GLN B 23 8.28 -2.30 4.20
C GLN B 23 9.49 -2.05 5.11
N GLN B 24 9.34 -2.42 6.39
CA GLN B 24 10.35 -2.07 7.39
C GLN B 24 11.69 -2.72 7.09
N GLY B 25 11.71 -4.05 6.95
CA GLY B 25 12.93 -4.79 6.74
C GLY B 25 12.94 -5.50 5.39
N SER B 26 14.04 -6.22 5.15
CA SER B 26 14.19 -6.99 3.92
C SER B 26 13.17 -8.11 3.81
N ASP B 27 12.64 -8.59 4.93
CA ASP B 27 11.61 -9.62 4.89
C ASP B 27 10.26 -8.97 4.61
N PRO B 28 9.54 -9.36 3.56
CA PRO B 28 8.24 -8.74 3.27
C PRO B 28 7.18 -8.97 4.33
N LYS B 29 7.47 -9.74 5.38
CA LYS B 29 6.49 -9.93 6.45
C LYS B 29 6.26 -8.63 7.21
N THR B 30 7.24 -7.73 7.20
CA THR B 30 7.17 -6.46 7.92
C THR B 30 6.43 -5.37 7.15
N ARG B 31 5.66 -5.73 6.14
CA ARG B 31 4.98 -4.73 5.32
C ARG B 31 3.78 -4.14 6.04
N ILE B 32 3.54 -2.85 5.82
CA ILE B 32 2.36 -2.17 6.33
C ILE B 32 2.16 -0.93 5.47
N TRP B 33 0.90 -0.56 5.25
CA TRP B 33 0.57 0.59 4.43
C TRP B 33 -0.27 1.57 5.23
N SER B 34 -0.08 2.86 4.94
CA SER B 34 -0.80 3.94 5.60
C SER B 34 -1.40 4.86 4.54
N ASP B 35 -2.59 5.38 4.82
CA ASP B 35 -3.25 6.34 3.93
C ASP B 35 -3.58 7.59 4.71
N HIS B 36 -3.44 8.75 4.05
CA HIS B 36 -3.63 10.03 4.70
C HIS B 36 -4.35 10.98 3.75
N CYS B 37 -4.99 11.99 4.32
CA CYS B 37 -5.80 12.94 3.57
C CYS B 37 -4.99 14.14 3.06
N SER B 38 -3.71 14.23 3.41
CA SER B 38 -2.90 15.36 2.96
C SER B 38 -1.43 14.97 3.11
N LEU B 39 -0.57 15.78 2.47
CA LEU B 39 0.87 15.56 2.59
C LEU B 39 1.35 15.82 4.01
N ARG B 40 0.80 16.86 4.66
CA ARG B 40 1.18 17.14 6.04
C ARG B 40 0.84 15.96 6.96
N SER B 41 -0.32 15.34 6.75
CA SER B 41 -0.71 14.20 7.56
C SER B 41 0.24 13.03 7.35
N ALA B 42 0.72 12.85 6.13
CA ALA B 42 1.68 11.77 5.86
C ALA B 42 3.02 12.03 6.54
N ILE B 43 3.48 13.28 6.51
CA ILE B 43 4.74 13.63 7.16
C ILE B 43 4.60 13.52 8.68
N GLU B 44 3.50 14.04 9.23
CA GLU B 44 3.29 13.95 10.67
C GLU B 44 3.14 12.50 11.12
N TYR B 45 2.66 11.63 10.23
CA TYR B 45 2.54 10.22 10.58
C TYR B 45 3.92 9.57 10.73
N ILE B 46 4.79 9.72 9.72
CA ILE B 46 6.08 9.05 9.76
C ILE B 46 6.96 9.64 10.84
N VAL B 47 6.82 10.94 11.13
CA VAL B 47 7.54 11.54 12.25
C VAL B 47 7.01 11.00 13.57
N GLY B 48 5.68 10.90 13.70
CA GLY B 48 5.10 10.33 14.90
C GLY B 48 5.48 8.88 15.11
N VAL B 49 5.74 8.15 14.02
CA VAL B 49 6.22 6.78 14.15
C VAL B 49 7.62 6.75 14.75
N TYR B 50 8.49 7.66 14.29
CA TYR B 50 9.83 7.74 14.85
C TYR B 50 9.80 8.12 16.33
N GLN B 51 8.81 8.90 16.74
CA GLN B 51 8.69 9.35 18.12
C GLN B 51 7.97 8.36 19.02
N THR B 52 7.70 7.15 18.54
CA THR B 52 7.11 6.11 19.39
C THR B 52 8.12 5.48 20.34
N ASN B 53 9.39 5.86 20.24
CA ASN B 53 10.41 5.38 21.17
C ASN B 53 10.59 6.35 22.33
N ASP B 63 15.51 15.51 16.95
CA ASP B 63 16.90 15.15 16.68
C ASP B 63 17.21 15.33 15.19
N VAL B 64 16.16 15.19 14.38
CA VAL B 64 16.21 15.46 12.94
C VAL B 64 17.14 14.50 12.21
N SER B 65 18.46 14.65 12.42
CA SER B 65 19.41 13.80 11.72
C SER B 65 19.23 12.34 12.10
N ARG B 66 18.95 12.08 13.38
CA ARG B 66 18.64 10.71 13.81
C ARG B 66 17.32 10.23 13.21
N PHE B 67 16.39 11.15 12.92
CA PHE B 67 15.14 10.77 12.29
C PHE B 67 15.37 10.34 10.85
N PHE B 68 16.20 11.08 10.10
CA PHE B 68 16.50 10.68 8.73
C PHE B 68 17.34 9.42 8.69
N ASN B 69 18.12 9.15 9.75
CA ASN B 69 18.74 7.84 9.90
C ASN B 69 17.67 6.75 9.98
N PHE B 70 16.63 6.99 10.78
CA PHE B 70 15.53 6.04 10.88
C PHE B 70 14.78 5.91 9.56
N PHE B 71 14.57 7.03 8.86
CA PHE B 71 13.85 6.96 7.59
C PHE B 71 14.65 6.23 6.53
N ASP B 72 15.96 6.49 6.46
CA ASP B 72 16.80 5.81 5.48
C ASP B 72 16.87 4.32 5.75
N GLU B 73 16.75 3.90 7.01
CA GLU B 73 16.82 2.48 7.36
C GLU B 73 15.59 1.72 6.91
N ILE B 74 14.48 2.42 6.62
CA ILE B 74 13.29 1.75 6.11
C ILE B 74 13.64 1.09 4.78
N TYR B 75 13.41 -0.22 4.70
CA TYR B 75 13.88 -0.99 3.54
C TYR B 75 13.19 -0.54 2.26
N ASP B 76 11.91 -0.21 2.32
CA ASP B 76 11.18 0.21 1.13
C ASP B 76 10.01 1.08 1.54
N CYS B 77 9.84 2.19 0.82
CA CYS B 77 8.76 3.14 1.13
C CYS B 77 8.46 3.93 -0.14
N VAL B 78 7.43 3.52 -0.86
CA VAL B 78 7.03 4.15 -2.12
C VAL B 78 5.72 4.90 -1.88
N PRO B 79 5.69 6.22 -1.98
CA PRO B 79 4.43 6.95 -1.81
C PRO B 79 3.59 6.93 -3.08
N LEU B 80 2.27 6.86 -2.89
CA LEU B 80 1.30 6.92 -3.97
C LEU B 80 0.36 8.09 -3.68
N VAL B 81 0.37 9.09 -4.56
CA VAL B 81 -0.46 10.28 -4.41
C VAL B 81 -1.62 10.19 -5.40
N TYR B 82 -2.82 10.49 -4.93
CA TYR B 82 -4.01 10.39 -5.76
C TYR B 82 -4.18 11.65 -6.60
N ASP B 83 -4.54 11.46 -7.86
CA ASP B 83 -4.80 12.55 -8.79
C ASP B 83 -6.31 12.65 -9.01
N ARG B 84 -6.87 13.85 -8.77
CA ARG B 84 -8.31 14.03 -8.84
C ARG B 84 -8.86 13.72 -10.22
N HIS B 85 -8.25 14.29 -11.26
CA HIS B 85 -8.81 14.16 -12.60
C HIS B 85 -8.61 12.75 -13.15
N PHE B 86 -7.36 12.27 -13.16
CA PHE B 86 -7.08 10.96 -13.72
C PHE B 86 -7.60 9.82 -12.85
N ARG B 87 -7.98 10.11 -11.61
CA ARG B 87 -8.51 9.11 -10.68
C ARG B 87 -7.58 7.90 -10.58
N ALA B 88 -6.31 8.18 -10.37
CA ALA B 88 -5.28 7.15 -10.26
C ALA B 88 -4.21 7.64 -9.30
N TYR B 89 -3.37 6.72 -8.86
CA TYR B 89 -2.33 7.01 -7.88
C TYR B 89 -0.98 7.10 -8.58
N ILE B 90 -0.28 8.20 -8.36
CA ILE B 90 1.04 8.44 -8.97
C ILE B 90 2.10 7.89 -8.03
N PRO B 91 2.90 6.92 -8.45
CA PRO B 91 3.99 6.43 -7.60
C PRO B 91 5.18 7.38 -7.62
N HIS B 92 5.82 7.51 -6.45
CA HIS B 92 7.01 8.34 -6.32
C HIS B 92 8.10 7.53 -5.63
N GLU B 93 9.33 8.05 -5.74
CA GLU B 93 10.45 7.41 -5.07
C GLU B 93 10.44 7.75 -3.58
N LYS B 94 11.21 6.97 -2.82
CA LYS B 94 11.34 7.24 -1.39
C LYS B 94 11.91 8.64 -1.14
N GLN B 95 12.74 9.13 -2.07
CA GLN B 95 13.32 10.46 -1.92
C GLN B 95 12.26 11.55 -1.98
N TRP B 96 11.14 11.30 -2.66
CA TRP B 96 10.10 12.31 -2.78
C TRP B 96 9.55 12.71 -1.42
N LEU B 97 9.35 11.72 -0.53
CA LEU B 97 8.88 12.02 0.82
C LEU B 97 9.98 12.60 1.70
N LEU B 98 11.25 12.35 1.36
CA LEU B 98 12.34 12.95 2.12
C LEU B 98 12.36 14.47 1.97
N HIS B 99 12.21 14.96 0.74
CA HIS B 99 12.27 16.40 0.49
C HIS B 99 11.14 17.12 1.21
N HIS B 100 9.93 16.59 1.12
CA HIS B 100 8.79 17.24 1.77
C HIS B 100 8.92 17.20 3.28
N ALA B 101 9.44 16.10 3.82
CA ALA B 101 9.66 16.01 5.26
C ALA B 101 10.77 16.96 5.71
N GLN B 102 11.75 17.22 4.84
CA GLN B 102 12.83 18.13 5.18
C GLN B 102 12.30 19.54 5.39
N GLU B 103 11.53 20.05 4.43
CA GLU B 103 10.99 21.41 4.55
C GLU B 103 9.90 21.49 5.61
N TYR B 104 9.28 20.38 5.98
CA TYR B 104 8.31 20.40 7.08
C TYR B 104 9.00 20.67 8.42
N LEU B 105 10.20 20.11 8.60
CA LEU B 105 10.91 20.26 9.86
C LEU B 105 11.63 21.60 10.00
N THR B 106 11.86 22.30 8.88
CA THR B 106 12.49 23.62 8.96
C THR B 106 11.49 24.68 9.42
N ALA B 107 10.27 24.65 8.86
CA ALA B 107 9.26 25.65 9.21
C ALA B 107 8.78 25.53 10.64
N ALA B 108 9.03 24.39 11.30
CA ALA B 108 8.65 24.22 12.69
C ALA B 108 9.52 25.04 13.64
N ARG B 109 10.62 25.62 13.16
CA ARG B 109 11.49 26.43 13.99
C ARG B 109 11.73 27.80 13.36
N LYS B 129 11.16 -0.26 20.17
CA LYS B 129 10.53 -0.71 18.94
C LYS B 129 9.59 0.35 18.37
N TYR B 130 9.66 0.57 17.06
CA TYR B 130 8.78 1.52 16.41
C TYR B 130 7.42 0.89 16.13
N ASP B 131 6.37 1.69 16.32
CA ASP B 131 4.99 1.25 16.09
C ASP B 131 4.45 1.99 14.88
N PHE B 132 4.33 1.28 13.76
CA PHE B 132 3.91 1.89 12.51
C PHE B 132 2.39 2.00 12.37
N SER B 133 1.63 1.44 13.29
CA SER B 133 0.17 1.58 13.27
C SER B 133 -0.31 2.89 13.87
N ARG B 134 0.61 3.69 14.43
CA ARG B 134 0.23 4.94 15.09
C ARG B 134 -0.17 5.98 14.05
N HIS B 135 -1.45 6.37 14.06
CA HIS B 135 -2.00 7.35 13.13
C HIS B 135 -1.83 6.92 11.67
N CYS B 136 -1.86 5.61 11.42
CA CYS B 136 -1.59 5.09 10.09
C CYS B 136 -2.78 5.25 9.13
N THR B 137 -3.87 5.90 9.55
CA THR B 137 -4.98 6.10 8.65
C THR B 137 -5.79 7.31 9.11
N ASP B 138 -6.26 8.09 8.15
CA ASP B 138 -7.21 9.17 8.39
C ASP B 138 -8.64 8.76 8.05
N TYR B 139 -8.83 7.55 7.54
CA TYR B 139 -10.14 7.02 7.18
C TYR B 139 -10.33 5.69 7.89
N GLY B 140 -11.59 5.33 8.11
CA GLY B 140 -11.90 4.04 8.70
C GLY B 140 -11.83 2.92 7.68
N HIS B 141 -12.32 3.19 6.48
CA HIS B 141 -12.37 2.20 5.41
C HIS B 141 -12.10 2.90 4.09
N SER B 142 -11.66 2.13 3.10
CA SER B 142 -11.47 2.70 1.76
C SER B 142 -12.77 3.19 1.16
N TYR B 143 -13.92 2.82 1.75
CA TYR B 143 -15.20 3.38 1.34
C TYR B 143 -15.20 4.89 1.42
N GLU B 144 -14.37 5.47 2.29
CA GLU B 144 -14.30 6.91 2.51
C GLU B 144 -13.25 7.62 1.65
N TRP B 145 -12.52 6.88 0.81
CA TRP B 145 -11.48 7.51 0.02
C TRP B 145 -12.08 8.39 -1.07
N PRO B 146 -11.35 9.40 -1.53
CA PRO B 146 -11.92 10.31 -2.55
C PRO B 146 -12.32 9.62 -3.84
N TYR B 147 -11.64 8.54 -4.24
CA TYR B 147 -12.01 7.86 -5.48
C TYR B 147 -13.34 7.14 -5.34
N PHE B 148 -13.52 6.40 -4.25
CA PHE B 148 -14.75 5.62 -4.08
C PHE B 148 -15.95 6.49 -3.75
N ARG B 149 -15.73 7.67 -3.17
CA ARG B 149 -16.85 8.59 -2.96
C ARG B 149 -17.34 9.19 -4.27
N SER B 150 -16.44 9.37 -5.24
CA SER B 150 -16.83 9.95 -6.53
C SER B 150 -17.69 8.99 -7.34
N LEU B 151 -17.69 7.70 -7.01
CA LEU B 151 -18.50 6.71 -7.71
C LEU B 151 -19.92 6.63 -7.15
N ARG B 152 -20.45 7.72 -6.62
CA ARG B 152 -21.81 7.74 -6.06
C ARG B 152 -22.55 8.99 -6.53
S SO4 C . -3.48 0.64 17.64
O1 SO4 C . -2.24 1.37 17.39
O2 SO4 C . -4.10 0.29 16.36
O3 SO4 C . -3.18 -0.59 18.39
O4 SO4 C . -4.40 1.47 18.42
S SO4 D . -12.03 -12.48 -17.53
O1 SO4 D . -11.09 -11.38 -17.31
O2 SO4 D . -11.86 -13.02 -18.87
O3 SO4 D . -13.39 -12.00 -17.36
O4 SO4 D . -11.77 -13.54 -16.55
S SO4 E . -11.17 -6.38 -16.48
O1 SO4 E . -11.67 -6.55 -17.85
O2 SO4 E . -10.85 -4.99 -16.24
O3 SO4 E . -12.20 -6.82 -15.54
O4 SO4 E . -9.97 -7.20 -16.30
S SO4 F . -4.26 5.22 16.35
O1 SO4 F . -3.04 5.79 15.79
O2 SO4 F . -4.95 4.46 15.31
O3 SO4 F . -5.13 6.28 16.83
O4 SO4 F . -3.91 4.32 17.45
S SO4 G . 14.97 -0.49 17.41
O1 SO4 G . 14.21 -0.88 16.22
O2 SO4 G . 14.71 0.92 17.71
O3 SO4 G . 14.55 -1.31 18.54
O4 SO4 G . 16.40 -0.68 17.16
#